data_7T36
#
_entry.id   7T36
#
_cell.length_a   45.300
_cell.length_b   54.299
_cell.length_c   122.709
_cell.angle_alpha   90.000
_cell.angle_beta   90.000
_cell.angle_gamma   90.000
#
_symmetry.space_group_name_H-M   'P 21 21 21'
#
loop_
_entity.id
_entity.type
_entity.pdbx_description
1 polymer 'Transcription initiation factor TFIID subunit 1'
2 non-polymer (3R)-4-[6-{1-[diamino(hydroxy)-lambda~4~-sulfanyl]cyclopropyl}-2-(methylsulfanyl)pyrimidin-4-yl]-3-methylmorpholine
3 non-polymer 1,2-ETHANEDIOL
4 water water
#
_entity_poly.entity_id   1
_entity_poly.type   'polypeptide(L)'
_entity_poly.pdbx_seq_one_letter_code
;SMSIHRRRTDPMVTLSSILESIINDMRDLPNTYPFHTPVNAKVVKDYYKIITRPMDLQTLRENVRKRLYPSREEFREHLE
LIVKNSATYNGPKHSLTQISQSMLDLCDEKLKEKEDKLARLEKAINPLLDDDDQVAFSFILDNIVTQKMMAVPDSWPFHH
PVNKKFVPDYYKVIVNPMDLETIRKNISKHKYQSRESFLDDVNLILANSVKYNGPESQYTKTAQEIVNVCYQTLTEYDEH
LTQLEKDICTAKEAALEEAELESLD
;
_entity_poly.pdbx_strand_id   A
#
loop_
_chem_comp.id
_chem_comp.type
_chem_comp.name
_chem_comp.formula
EDO non-polymer 1,2-ETHANEDIOL 'C2 H6 O2'
EIO non-polymer (3R)-4-[6-{1-[diamino(hydroxy)-lambda~4~-sulfanyl]cyclopropyl}-2-(methylsulfanyl)pyrimidin-4-yl]-3-methylmorpholine 'C13 H20 N5 O2 S2 1'
#
# COMPACT_ATOMS: atom_id res chain seq x y z
N THR A 9 -22.65 -16.88 8.46
CA THR A 9 -22.43 -15.78 7.53
C THR A 9 -20.95 -15.44 7.41
N ASP A 10 -20.37 -15.70 6.26
CA ASP A 10 -18.95 -15.41 6.02
C ASP A 10 -18.75 -13.91 5.95
N PRO A 11 -17.95 -13.31 6.84
CA PRO A 11 -17.75 -11.85 6.78
C PRO A 11 -17.06 -11.39 5.50
N MET A 12 -16.23 -12.24 4.88
CA MET A 12 -15.62 -11.88 3.60
C MET A 12 -16.68 -11.69 2.53
N VAL A 13 -17.73 -12.51 2.55
CA VAL A 13 -18.82 -12.36 1.59
C VAL A 13 -19.56 -11.05 1.82
N THR A 14 -19.86 -10.74 3.09
CA THR A 14 -20.54 -9.49 3.41
C THR A 14 -19.69 -8.29 3.01
N LEU A 15 -18.39 -8.34 3.32
CA LEU A 15 -17.48 -7.27 2.93
C LEU A 15 -17.45 -7.11 1.43
N SER A 16 -17.35 -8.23 0.69
CA SER A 16 -17.26 -8.15 -0.76
C SER A 16 -18.52 -7.56 -1.38
N SER A 17 -19.68 -7.84 -0.80
CA SER A 17 -20.91 -7.25 -1.31
C SER A 17 -20.91 -5.73 -1.12
N ILE A 18 -20.40 -5.26 0.02
CA ILE A 18 -20.28 -3.81 0.25
C ILE A 18 -19.36 -3.18 -0.79
N LEU A 19 -18.18 -3.79 -1.00
CA LEU A 19 -17.25 -3.22 -1.95
C LEU A 19 -17.82 -3.23 -3.37
N GLU A 20 -18.52 -4.30 -3.73
CA GLU A 20 -19.12 -4.36 -5.07
C GLU A 20 -20.16 -3.24 -5.24
N SER A 21 -20.92 -2.94 -4.18
CA SER A 21 -21.91 -1.88 -4.28
C SER A 21 -21.25 -0.52 -4.46
N ILE A 22 -20.07 -0.32 -3.88
CA ILE A 22 -19.33 0.92 -4.08
C ILE A 22 -18.87 1.02 -5.54
N ILE A 23 -18.45 -0.10 -6.13
CA ILE A 23 -18.03 -0.08 -7.52
C ILE A 23 -19.20 0.26 -8.43
N ASN A 24 -20.39 -0.28 -8.13
CA ASN A 24 -21.59 0.07 -8.89
C ASN A 24 -21.85 1.57 -8.83
N ASP A 25 -21.71 2.16 -7.65
CA ASP A 25 -21.95 3.60 -7.50
C ASP A 25 -20.91 4.41 -8.26
N MET A 26 -19.66 3.95 -8.27
CA MET A 26 -18.59 4.67 -8.94
C MET A 26 -18.76 4.59 -10.46
N ARG A 27 -19.16 3.41 -10.94
CA ARG A 27 -19.41 3.22 -12.37
C ARG A 27 -20.51 4.14 -12.88
N ASP A 28 -21.46 4.50 -12.00
CA ASP A 28 -22.60 5.33 -12.40
C ASP A 28 -22.27 6.81 -12.47
N LEU A 29 -21.08 7.24 -12.02
CA LEU A 29 -20.72 8.64 -12.07
C LEU A 29 -20.49 9.09 -13.51
N PRO A 30 -20.71 10.37 -13.80
CA PRO A 30 -20.64 10.82 -15.20
C PRO A 30 -19.25 10.68 -15.79
N ASN A 31 -19.20 10.31 -17.07
CA ASN A 31 -17.99 10.27 -17.89
C ASN A 31 -16.96 9.27 -17.39
N THR A 32 -17.35 8.28 -16.59
CA THR A 32 -16.36 7.36 -16.02
C THR A 32 -16.01 6.19 -16.92
N TYR A 33 -16.67 6.05 -18.07
CA TYR A 33 -16.45 4.85 -18.89
C TYR A 33 -14.99 4.55 -19.24
N PRO A 34 -14.12 5.52 -19.52
CA PRO A 34 -12.71 5.17 -19.79
C PRO A 34 -12.03 4.38 -18.69
N PHE A 35 -12.61 4.36 -17.49
CA PHE A 35 -12.05 3.64 -16.36
C PHE A 35 -12.78 2.35 -16.06
N HIS A 36 -13.80 1.98 -16.85
CA HIS A 36 -14.57 0.78 -16.56
C HIS A 36 -13.83 -0.50 -16.91
N THR A 37 -12.90 -0.45 -17.85
CA THR A 37 -12.23 -1.64 -18.37
C THR A 37 -10.75 -1.32 -18.53
N PRO A 38 -9.90 -2.34 -18.68
CA PRO A 38 -8.46 -2.06 -18.78
C PRO A 38 -8.13 -1.24 -20.01
N VAL A 39 -7.12 -0.38 -19.86
CA VAL A 39 -6.59 0.33 -21.02
C VAL A 39 -6.11 -0.69 -22.05
N ASN A 40 -6.42 -0.45 -23.32
CA ASN A 40 -6.00 -1.32 -24.40
C ASN A 40 -4.61 -0.89 -24.83
N ALA A 41 -3.59 -1.66 -24.41
CA ALA A 41 -2.22 -1.24 -24.66
C ALA A 41 -1.78 -1.43 -26.11
N LYS A 42 -2.57 -2.14 -26.92
CA LYS A 42 -2.27 -2.20 -28.34
C LYS A 42 -2.73 -0.96 -29.08
N VAL A 43 -3.67 -0.21 -28.51
CA VAL A 43 -4.05 1.10 -29.03
C VAL A 43 -3.25 2.21 -28.37
N VAL A 44 -3.14 2.15 -27.05
CA VAL A 44 -2.29 3.10 -26.30
C VAL A 44 -0.93 2.44 -26.17
N LYS A 45 -0.13 2.57 -27.24
CA LYS A 45 1.03 1.69 -27.42
C LYS A 45 2.14 1.94 -26.41
N ASP A 46 2.22 3.15 -25.85
CA ASP A 46 3.26 3.44 -24.86
C ASP A 46 2.77 3.33 -23.44
N TYR A 47 1.56 2.80 -23.22
CA TYR A 47 0.96 2.83 -21.89
C TYR A 47 1.84 2.12 -20.85
N TYR A 48 2.33 0.92 -21.16
CA TYR A 48 3.12 0.19 -20.17
C TYR A 48 4.56 0.69 -20.06
N LYS A 49 4.99 1.55 -20.97
CA LYS A 49 6.28 2.22 -20.81
C LYS A 49 6.19 3.37 -19.81
N ILE A 50 4.97 3.78 -19.48
CA ILE A 50 4.73 4.87 -18.55
C ILE A 50 4.11 4.39 -17.24
N ILE A 51 3.26 3.36 -17.28
CA ILE A 51 2.49 2.93 -16.13
C ILE A 51 2.98 1.55 -15.70
N THR A 52 3.16 1.37 -14.39
CA THR A 52 3.69 0.15 -13.81
C THR A 52 2.60 -0.77 -13.25
N ARG A 53 1.55 -0.19 -12.70
CA ARG A 53 0.50 -0.93 -12.00
C ARG A 53 -0.86 -0.53 -12.56
N PRO A 54 -1.22 -1.07 -13.73
CA PRO A 54 -2.54 -0.75 -14.30
C PRO A 54 -3.69 -1.19 -13.40
N MET A 55 -4.79 -0.46 -13.48
CA MET A 55 -6.00 -0.72 -12.71
C MET A 55 -7.21 -0.09 -13.38
N ASP A 56 -8.37 -0.71 -13.16
CA ASP A 56 -9.63 -0.25 -13.72
C ASP A 56 -10.75 -0.88 -12.90
N LEU A 57 -11.97 -0.40 -13.12
CA LEU A 57 -13.08 -0.85 -12.28
C LEU A 57 -13.42 -2.32 -12.49
N GLN A 58 -13.24 -2.83 -13.71
CA GLN A 58 -13.58 -4.23 -13.96
C GLN A 58 -12.59 -5.16 -13.28
N THR A 59 -11.30 -4.82 -13.34
CA THR A 59 -10.30 -5.60 -12.62
C THR A 59 -10.54 -5.51 -11.13
N LEU A 60 -10.86 -4.31 -10.64
CA LEU A 60 -11.23 -4.11 -9.24
C LEU A 60 -12.39 -5.02 -8.84
N ARG A 61 -13.45 -5.04 -9.65
CA ARG A 61 -14.60 -5.89 -9.35
C ARG A 61 -14.22 -7.37 -9.34
N GLU A 62 -13.42 -7.81 -10.32
CA GLU A 62 -13.05 -9.20 -10.35
C GLU A 62 -12.14 -9.57 -9.17
N ASN A 63 -11.33 -8.62 -8.70
CA ASN A 63 -10.53 -8.85 -7.51
C ASN A 63 -11.39 -8.98 -6.27
N VAL A 64 -12.45 -8.16 -6.16
CA VAL A 64 -13.40 -8.32 -5.06
C VAL A 64 -13.98 -9.73 -5.08
N ARG A 65 -14.35 -10.21 -6.27
CA ARG A 65 -14.95 -11.54 -6.37
C ARG A 65 -13.92 -12.64 -6.13
N LYS A 66 -12.66 -12.38 -6.41
CA LYS A 66 -11.59 -13.30 -6.02
C LYS A 66 -11.29 -13.24 -4.53
N ARG A 67 -12.03 -12.43 -3.78
CA ARG A 67 -11.84 -12.26 -2.33
C ARG A 67 -10.39 -11.89 -2.01
N LEU A 68 -9.86 -10.93 -2.78
CA LEU A 68 -8.50 -10.44 -2.60
C LEU A 68 -8.40 -9.29 -1.61
N TYR A 69 -9.53 -8.73 -1.18
CA TYR A 69 -9.51 -7.56 -0.29
C TYR A 69 -10.11 -7.93 1.05
N PRO A 70 -9.29 -8.23 2.07
CA PRO A 70 -9.82 -8.51 3.41
C PRO A 70 -10.24 -7.28 4.18
N SER A 71 -10.00 -6.09 3.65
CA SER A 71 -10.37 -4.87 4.34
C SER A 71 -10.51 -3.75 3.33
N ARG A 72 -11.02 -2.61 3.81
CA ARG A 72 -11.21 -1.47 2.91
C ARG A 72 -9.90 -0.87 2.45
N GLU A 73 -8.80 -1.09 3.18
CA GLU A 73 -7.55 -0.44 2.82
C GLU A 73 -6.94 -1.03 1.56
N GLU A 74 -6.96 -2.36 1.43
CA GLU A 74 -6.45 -2.98 0.20
C GLU A 74 -7.30 -2.58 -1.00
N PHE A 75 -8.62 -2.53 -0.82
CA PHE A 75 -9.52 -2.09 -1.88
C PHE A 75 -9.20 -0.66 -2.30
N ARG A 76 -9.10 0.25 -1.34
CA ARG A 76 -8.90 1.66 -1.67
C ARG A 76 -7.55 1.90 -2.32
N GLU A 77 -6.51 1.14 -1.94
CA GLU A 77 -5.21 1.33 -2.56
C GLU A 77 -5.25 1.02 -4.04
N HIS A 78 -5.93 -0.06 -4.44
CA HIS A 78 -6.05 -0.34 -5.87
C HIS A 78 -6.90 0.71 -6.55
N LEU A 79 -7.97 1.18 -5.90
CA LEU A 79 -8.79 2.22 -6.50
C LEU A 79 -7.98 3.49 -6.72
N GLU A 80 -7.13 3.85 -5.74
CA GLU A 80 -6.33 5.06 -5.90
C GLU A 80 -5.34 4.95 -7.06
N LEU A 81 -4.94 3.72 -7.43
CA LEU A 81 -4.07 3.55 -8.59
C LEU A 81 -4.72 4.12 -9.85
N ILE A 82 -6.04 3.99 -9.97
CA ILE A 82 -6.72 4.51 -11.15
C ILE A 82 -6.48 6.00 -11.29
N VAL A 83 -6.55 6.73 -10.17
CA VAL A 83 -6.32 8.18 -10.20
C VAL A 83 -4.85 8.48 -10.46
N LYS A 84 -3.96 7.80 -9.75
CA LYS A 84 -2.53 8.05 -9.91
C LYS A 84 -2.08 7.76 -11.34
N ASN A 85 -2.59 6.67 -11.93
CA ASN A 85 -2.20 6.37 -13.30
C ASN A 85 -2.70 7.44 -14.26
N SER A 86 -3.90 7.95 -14.03
CA SER A 86 -4.42 8.99 -14.91
C SER A 86 -3.63 10.28 -14.75
N ALA A 87 -3.30 10.63 -13.52
CA ALA A 87 -2.50 11.83 -13.29
C ALA A 87 -1.16 11.72 -13.99
N THR A 88 -0.58 10.52 -14.02
CA THR A 88 0.72 10.33 -14.67
C THR A 88 0.58 10.35 -16.18
N TYR A 89 -0.36 9.59 -16.72
CA TYR A 89 -0.43 9.42 -18.17
C TYR A 89 -1.14 10.59 -18.84
N ASN A 90 -2.30 10.98 -18.30
CA ASN A 90 -3.11 12.05 -18.90
C ASN A 90 -2.73 13.42 -18.37
N GLY A 91 -2.33 13.52 -17.12
CA GLY A 91 -1.96 14.78 -16.52
C GLY A 91 -2.75 15.06 -15.26
N PRO A 92 -2.13 15.80 -14.35
CA PRO A 92 -2.76 16.05 -13.04
C PRO A 92 -4.08 16.77 -13.09
N LYS A 93 -4.30 17.64 -14.08
CA LYS A 93 -5.53 18.41 -14.17
C LYS A 93 -6.42 17.97 -15.33
N HIS A 94 -5.98 16.99 -16.10
CA HIS A 94 -6.77 16.45 -17.21
C HIS A 94 -8.16 16.07 -16.72
N SER A 95 -9.16 16.24 -17.60
CA SER A 95 -10.53 15.87 -17.23
C SER A 95 -10.61 14.41 -16.79
N LEU A 96 -9.87 13.51 -17.44
CA LEU A 96 -9.91 12.10 -17.03
C LEU A 96 -9.44 11.94 -15.61
N THR A 97 -8.45 12.73 -15.19
CA THR A 97 -7.98 12.62 -13.81
C THR A 97 -9.00 13.17 -12.84
N GLN A 98 -9.68 14.26 -13.20
CA GLN A 98 -10.76 14.77 -12.37
C GLN A 98 -11.88 13.77 -12.26
N ILE A 99 -12.20 13.09 -13.37
CA ILE A 99 -13.24 12.07 -13.35
C ILE A 99 -12.84 10.93 -12.43
N SER A 100 -11.59 10.46 -12.56
CA SER A 100 -11.15 9.38 -11.69
C SER A 100 -11.17 9.81 -10.23
N GLN A 101 -10.82 11.07 -9.96
CA GLN A 101 -10.88 11.56 -8.58
C GLN A 101 -12.31 11.57 -8.05
N SER A 102 -13.29 11.84 -8.92
CA SER A 102 -14.67 11.84 -8.44
C SER A 102 -15.08 10.45 -7.97
N MET A 103 -14.53 9.40 -8.59
CA MET A 103 -14.81 8.04 -8.15
C MET A 103 -14.22 7.78 -6.77
N LEU A 104 -12.96 8.19 -6.58
CA LEU A 104 -12.31 8.01 -5.29
C LEU A 104 -13.00 8.82 -4.20
N ASP A 105 -13.46 10.03 -4.54
CA ASP A 105 -14.20 10.84 -3.56
C ASP A 105 -15.49 10.14 -3.14
N LEU A 106 -16.19 9.52 -4.09
CA LEU A 106 -17.43 8.83 -3.74
C LEU A 106 -17.15 7.61 -2.88
N CYS A 107 -16.10 6.86 -3.23
CA CYS A 107 -15.69 5.73 -2.40
C CYS A 107 -15.44 6.16 -0.97
N ASP A 108 -14.71 7.26 -0.78
CA ASP A 108 -14.41 7.71 0.58
C ASP A 108 -15.68 8.10 1.32
N GLU A 109 -16.65 8.68 0.62
CA GLU A 109 -17.94 8.99 1.24
C GLU A 109 -18.64 7.72 1.71
N LYS A 110 -18.66 6.69 0.86
CA LYS A 110 -19.33 5.45 1.23
C LYS A 110 -18.60 4.73 2.36
N LEU A 111 -17.26 4.72 2.31
CA LEU A 111 -16.51 4.05 3.38
C LEU A 111 -16.74 4.74 4.71
N LYS A 112 -16.86 6.06 4.72
CA LYS A 112 -17.13 6.78 5.96
C LYS A 112 -18.54 6.48 6.46
N GLU A 113 -19.51 6.40 5.55
CA GLU A 113 -20.88 6.07 5.95
C GLU A 113 -20.95 4.71 6.63
N LYS A 114 -20.12 3.76 6.20
CA LYS A 114 -20.19 2.39 6.68
C LYS A 114 -19.01 2.00 7.56
N GLU A 115 -18.33 2.98 8.16
CA GLU A 115 -17.06 2.70 8.83
C GLU A 115 -17.21 1.77 10.02
N ASP A 116 -18.32 1.86 10.75
CA ASP A 116 -18.47 0.99 11.92
C ASP A 116 -18.78 -0.44 11.51
N LYS A 117 -19.65 -0.61 10.50
CA LYS A 117 -19.92 -1.95 9.99
C LYS A 117 -18.68 -2.56 9.35
N LEU A 118 -17.92 -1.77 8.59
CA LEU A 118 -16.71 -2.28 7.97
C LEU A 118 -15.68 -2.68 9.02
N ALA A 119 -15.55 -1.89 10.09
CA ALA A 119 -14.62 -2.24 11.16
C ALA A 119 -14.97 -3.58 11.77
N ARG A 120 -16.26 -3.84 12.01
CA ARG A 120 -16.67 -5.12 12.58
C ARG A 120 -16.35 -6.27 11.66
N LEU A 121 -16.64 -6.10 10.36
CA LEU A 121 -16.35 -7.17 9.40
C LEU A 121 -14.86 -7.42 9.30
N GLU A 122 -14.06 -6.35 9.28
CA GLU A 122 -12.62 -6.51 9.12
C GLU A 122 -12.00 -7.24 10.31
N LYS A 123 -12.49 -6.96 11.52
CA LYS A 123 -11.96 -7.65 12.69
C LYS A 123 -12.45 -9.09 12.76
N ALA A 124 -13.63 -9.37 12.22
CA ALA A 124 -14.09 -10.75 12.14
C ALA A 124 -13.27 -11.53 11.11
N ILE A 125 -12.83 -10.86 10.05
CA ILE A 125 -12.01 -11.52 9.05
C ILE A 125 -10.59 -11.74 9.57
N ASN A 126 -10.05 -10.76 10.28
CA ASN A 126 -8.67 -10.82 10.79
C ASN A 126 -8.67 -10.29 12.21
N PRO A 127 -8.78 -11.15 13.22
CA PRO A 127 -8.85 -10.67 14.61
C PRO A 127 -7.65 -9.85 15.06
N LEU A 128 -6.49 -9.99 14.40
CA LEU A 128 -5.31 -9.23 14.81
C LEU A 128 -5.50 -7.73 14.62
N LEU A 129 -6.44 -7.32 13.75
CA LEU A 129 -6.74 -5.90 13.61
C LEU A 129 -7.32 -5.31 14.88
N ASP A 130 -7.88 -6.13 15.76
CA ASP A 130 -8.42 -5.70 17.03
C ASP A 130 -7.47 -5.94 18.20
N ASP A 131 -6.31 -6.54 17.96
CA ASP A 131 -5.40 -6.90 19.02
C ASP A 131 -4.61 -5.69 19.47
N ASP A 132 -4.67 -5.38 20.77
CA ASP A 132 -4.02 -4.19 21.30
C ASP A 132 -2.50 -4.26 21.13
N ASP A 133 -1.92 -5.46 21.17
CA ASP A 133 -0.48 -5.57 21.02
C ASP A 133 -0.05 -5.41 19.57
N GLN A 134 -0.84 -5.93 18.64
CA GLN A 134 -0.57 -5.67 17.22
C GLN A 134 -0.67 -4.18 16.91
N VAL A 135 -1.69 -3.50 17.44
CA VAL A 135 -1.85 -2.08 17.19
C VAL A 135 -0.69 -1.29 17.76
N ALA A 136 -0.26 -1.61 18.98
CA ALA A 136 0.87 -0.91 19.59
C ALA A 136 2.16 -1.18 18.83
N PHE A 137 2.36 -2.42 18.40
CA PHE A 137 3.55 -2.76 17.61
C PHE A 137 3.59 -1.96 16.32
N SER A 138 2.47 -1.93 15.58
CA SER A 138 2.41 -1.19 14.33
C SER A 138 2.62 0.31 14.56
N PHE A 139 2.05 0.84 15.64
CA PHE A 139 2.23 2.25 15.96
C PHE A 139 3.71 2.60 16.15
N ILE A 140 4.46 1.72 16.82
CA ILE A 140 5.88 1.96 17.02
C ILE A 140 6.63 1.93 15.68
N LEU A 141 6.37 0.89 14.88
CA LEU A 141 7.00 0.79 13.56
C LEU A 141 6.73 2.04 12.73
N ASP A 142 5.47 2.52 12.73
CA ASP A 142 5.16 3.69 11.92
C ASP A 142 5.95 4.91 12.38
N ASN A 143 6.14 5.05 13.69
CA ASN A 143 6.90 6.19 14.21
C ASN A 143 8.38 6.08 13.86
N ILE A 144 8.92 4.86 13.82
CA ILE A 144 10.30 4.69 13.38
C ILE A 144 10.46 5.13 11.93
N VAL A 145 9.49 4.78 11.08
CA VAL A 145 9.57 5.16 9.67
C VAL A 145 9.48 6.68 9.53
N THR A 146 8.48 7.30 10.17
CA THR A 146 8.25 8.73 9.93
C THR A 146 9.22 9.61 10.71
N GLN A 147 9.54 9.25 11.95
CA GLN A 147 10.33 10.13 12.80
C GLN A 147 11.83 9.91 12.66
N LYS A 148 12.26 8.73 12.22
CA LYS A 148 13.66 8.38 12.13
C LYS A 148 14.10 8.17 10.69
N MET A 149 13.45 7.24 9.98
CA MET A 149 13.97 6.86 8.67
C MET A 149 13.68 7.93 7.64
N MET A 150 12.48 8.50 7.66
CA MET A 150 12.14 9.55 6.70
C MET A 150 12.84 10.87 7.02
N ALA A 151 13.39 11.00 8.22
CA ALA A 151 14.12 12.20 8.63
C ALA A 151 15.58 12.15 8.24
N VAL A 152 16.05 11.05 7.68
CA VAL A 152 17.43 11.00 7.19
C VAL A 152 17.59 12.06 6.10
N PRO A 153 18.66 12.86 6.12
CA PRO A 153 18.82 13.89 5.09
C PRO A 153 18.85 13.31 3.69
N ASP A 154 18.16 13.98 2.78
CA ASP A 154 18.12 13.62 1.36
C ASP A 154 17.55 12.22 1.13
N SER A 155 16.68 11.77 2.03
CA SER A 155 16.10 10.43 1.90
C SER A 155 14.92 10.38 0.94
N TRP A 156 14.53 11.51 0.34
CA TRP A 156 13.40 11.61 -0.57
C TRP A 156 13.33 10.57 -1.70
N PRO A 157 14.44 10.10 -2.29
CA PRO A 157 14.32 9.07 -3.34
C PRO A 157 13.67 7.79 -2.86
N PHE A 158 13.64 7.56 -1.55
CA PHE A 158 13.17 6.33 -0.97
C PHE A 158 11.83 6.48 -0.27
N HIS A 159 11.24 7.68 -0.33
CA HIS A 159 9.98 7.93 0.38
C HIS A 159 8.77 7.33 -0.33
N HIS A 160 8.82 7.21 -1.65
CA HIS A 160 7.66 6.87 -2.45
C HIS A 160 8.09 5.91 -3.55
N PRO A 161 7.15 5.18 -4.15
CA PRO A 161 7.50 4.35 -5.31
C PRO A 161 8.01 5.21 -6.45
N VAL A 162 9.00 4.68 -7.17
CA VAL A 162 9.52 5.34 -8.36
C VAL A 162 8.42 5.39 -9.41
N ASN A 163 8.26 6.57 -10.01
CA ASN A 163 7.33 6.74 -11.13
C ASN A 163 8.10 6.47 -12.42
N LYS A 164 7.70 5.42 -13.14
CA LYS A 164 8.37 5.04 -14.38
C LYS A 164 8.44 6.19 -15.38
N LYS A 165 7.49 7.14 -15.31
CA LYS A 165 7.54 8.27 -16.23
C LYS A 165 8.80 9.09 -16.04
N PHE A 166 9.29 9.20 -14.80
CA PHE A 166 10.45 10.02 -14.50
C PHE A 166 11.76 9.24 -14.46
N VAL A 167 11.69 7.92 -14.25
CA VAL A 167 12.87 7.05 -14.28
C VAL A 167 12.52 5.86 -15.18
N PRO A 168 12.61 6.01 -16.50
CA PRO A 168 11.94 5.06 -17.39
C PRO A 168 12.48 3.63 -17.34
N ASP A 169 13.75 3.43 -16.96
CA ASP A 169 14.33 2.09 -16.95
C ASP A 169 14.38 1.47 -15.55
N TYR A 170 13.73 2.09 -14.56
CA TYR A 170 13.90 1.65 -13.18
C TYR A 170 13.41 0.22 -12.97
N TYR A 171 12.21 -0.09 -13.49
CA TYR A 171 11.60 -1.39 -13.20
C TYR A 171 12.08 -2.49 -14.14
N LYS A 172 12.83 -2.15 -15.19
CA LYS A 172 13.57 -3.16 -15.93
C LYS A 172 14.76 -3.67 -15.12
N VAL A 173 15.29 -2.84 -14.23
CA VAL A 173 16.38 -3.25 -13.36
C VAL A 173 15.85 -3.80 -12.03
N ILE A 174 14.93 -3.08 -11.42
CA ILE A 174 14.39 -3.40 -10.11
C ILE A 174 13.03 -4.07 -10.30
N VAL A 175 12.98 -5.38 -10.06
CA VAL A 175 11.74 -6.13 -10.23
C VAL A 175 10.99 -6.32 -8.93
N ASN A 176 11.63 -6.08 -7.78
CA ASN A 176 11.01 -6.23 -6.47
C ASN A 176 11.14 -4.89 -5.73
N PRO A 177 10.40 -3.87 -6.16
CA PRO A 177 10.59 -2.53 -5.59
C PRO A 177 10.04 -2.42 -4.18
N MET A 178 10.59 -1.46 -3.44
CA MET A 178 10.13 -1.17 -2.09
C MET A 178 10.48 0.27 -1.77
N ASP A 179 9.64 0.91 -0.95
CA ASP A 179 9.85 2.29 -0.54
C ASP A 179 9.18 2.50 0.81
N LEU A 180 9.48 3.64 1.43
CA LEU A 180 8.99 3.86 2.79
C LEU A 180 7.48 4.06 2.85
N GLU A 181 6.86 4.66 1.81
CA GLU A 181 5.41 4.80 1.82
C GLU A 181 4.74 3.43 1.76
N THR A 182 5.26 2.53 0.93
CA THR A 182 4.72 1.18 0.87
C THR A 182 4.85 0.46 2.21
N ILE A 183 6.00 0.64 2.89
CA ILE A 183 6.14 0.07 4.23
C ILE A 183 5.11 0.68 5.18
N ARG A 184 4.88 1.99 5.09
CA ARG A 184 3.85 2.60 5.94
C ARG A 184 2.47 2.04 5.63
N LYS A 185 2.17 1.82 4.35
CA LYS A 185 0.90 1.19 4.01
C LYS A 185 0.80 -0.22 4.58
N ASN A 186 1.91 -0.96 4.54
CA ASN A 186 1.92 -2.30 5.13
C ASN A 186 1.71 -2.25 6.63
N ILE A 187 2.30 -1.25 7.30
CA ILE A 187 2.12 -1.11 8.74
C ILE A 187 0.64 -0.82 9.06
N SER A 188 0.02 0.08 8.30
CA SER A 188 -1.36 0.43 8.57
C SER A 188 -2.31 -0.74 8.33
N LYS A 189 -1.91 -1.69 7.49
CA LYS A 189 -2.63 -2.94 7.29
C LYS A 189 -2.21 -4.02 8.28
N HIS A 190 -1.31 -3.69 9.21
CA HIS A 190 -0.77 -4.65 10.19
C HIS A 190 -0.19 -5.88 9.50
N LYS A 191 0.60 -5.64 8.45
CA LYS A 191 1.26 -6.74 7.74
C LYS A 191 2.39 -7.36 8.57
N TYR A 192 2.98 -6.60 9.50
CA TYR A 192 4.17 -7.03 10.22
C TYR A 192 3.79 -7.45 11.63
N GLN A 193 4.01 -8.73 11.95
CA GLN A 193 3.83 -9.24 13.30
C GLN A 193 5.13 -9.32 14.09
N SER A 194 6.27 -9.12 13.44
CA SER A 194 7.55 -9.09 14.14
C SER A 194 8.54 -8.29 13.31
N ARG A 195 9.71 -8.04 13.92
CA ARG A 195 10.73 -7.23 13.27
C ARG A 195 11.29 -7.89 12.01
N GLU A 196 11.30 -9.22 11.95
CA GLU A 196 11.94 -9.90 10.83
C GLU A 196 11.30 -9.50 9.50
N SER A 197 9.97 -9.56 9.42
CA SER A 197 9.29 -9.22 8.16
C SER A 197 9.47 -7.74 7.84
N PHE A 198 9.43 -6.89 8.87
CA PHE A 198 9.67 -5.46 8.69
C PHE A 198 11.07 -5.20 8.14
N LEU A 199 12.08 -5.88 8.71
CA LEU A 199 13.45 -5.67 8.25
C LEU A 199 13.67 -6.26 6.85
N ASP A 200 12.91 -7.28 6.46
CA ASP A 200 13.01 -7.76 5.08
C ASP A 200 12.67 -6.64 4.11
N ASP A 201 11.58 -5.90 4.38
CA ASP A 201 11.18 -4.83 3.47
C ASP A 201 12.12 -3.64 3.56
N VAL A 202 12.59 -3.31 4.77
CA VAL A 202 13.53 -2.21 4.92
C VAL A 202 14.80 -2.50 4.12
N ASN A 203 15.31 -3.73 4.23
CA ASN A 203 16.55 -4.05 3.54
C ASN A 203 16.38 -4.12 2.03
N LEU A 204 15.16 -4.37 1.55
CA LEU A 204 14.91 -4.35 0.11
C LEU A 204 15.19 -2.96 -0.48
N ILE A 205 14.87 -1.90 0.27
CA ILE A 205 15.16 -0.56 -0.19
C ILE A 205 16.66 -0.41 -0.45
N LEU A 206 17.48 -0.86 0.49
CA LEU A 206 18.92 -0.76 0.33
C LEU A 206 19.42 -1.65 -0.80
N ALA A 207 18.94 -2.90 -0.85
CA ALA A 207 19.39 -3.82 -1.88
C ALA A 207 19.07 -3.26 -3.27
N ASN A 208 17.91 -2.63 -3.41
CA ASN A 208 17.54 -2.07 -4.71
C ASN A 208 18.42 -0.88 -5.06
N SER A 209 18.83 -0.11 -4.06
CA SER A 209 19.73 1.02 -4.35
C SER A 209 21.09 0.53 -4.78
N VAL A 210 21.60 -0.54 -4.16
CA VAL A 210 22.88 -1.09 -4.58
C VAL A 210 22.79 -1.57 -6.03
N LYS A 211 21.66 -2.20 -6.38
CA LYS A 211 21.49 -2.73 -7.73
C LYS A 211 21.34 -1.61 -8.75
N TYR A 212 20.50 -0.62 -8.46
CA TYR A 212 20.21 0.40 -9.47
C TYR A 212 21.26 1.50 -9.50
N ASN A 213 21.70 1.95 -8.33
CA ASN A 213 22.62 3.09 -8.24
C ASN A 213 24.07 2.68 -8.08
N GLY A 214 24.35 1.48 -7.58
CA GLY A 214 25.70 1.06 -7.35
C GLY A 214 26.07 1.17 -5.89
N PRO A 215 27.04 0.35 -5.46
CA PRO A 215 27.37 0.28 -4.04
C PRO A 215 27.98 1.55 -3.48
N GLU A 216 28.62 2.37 -4.31
CA GLU A 216 29.36 3.54 -3.84
C GLU A 216 28.62 4.84 -4.14
N SER A 217 27.40 4.75 -4.64
CA SER A 217 26.62 5.94 -4.99
C SER A 217 26.18 6.69 -3.74
N GLN A 218 26.04 8.00 -3.88
CA GLN A 218 25.48 8.79 -2.78
C GLN A 218 24.07 8.33 -2.42
N TYR A 219 23.27 7.92 -3.41
CA TYR A 219 21.95 7.37 -3.12
C TYR A 219 22.06 6.18 -2.18
N THR A 220 23.02 5.29 -2.42
CA THR A 220 23.16 4.11 -1.58
C THR A 220 23.67 4.47 -0.19
N LYS A 221 24.55 5.47 -0.09
CA LYS A 221 24.96 5.92 1.24
C LYS A 221 23.77 6.39 2.05
N THR A 222 22.83 7.10 1.41
CA THR A 222 21.61 7.50 2.08
C THR A 222 20.75 6.30 2.46
N ALA A 223 20.60 5.35 1.56
CA ALA A 223 19.83 4.15 1.90
C ALA A 223 20.48 3.40 3.06
N GLN A 224 21.82 3.38 3.11
CA GLN A 224 22.50 2.71 4.21
C GLN A 224 22.20 3.43 5.52
N GLU A 225 22.17 4.76 5.49
CA GLU A 225 21.83 5.52 6.69
C GLU A 225 20.41 5.21 7.15
N ILE A 226 19.48 5.03 6.19
CA ILE A 226 18.10 4.71 6.53
C ILE A 226 18.02 3.37 7.23
N VAL A 227 18.73 2.37 6.71
CA VAL A 227 18.74 1.06 7.33
C VAL A 227 19.39 1.14 8.71
N ASN A 228 20.48 1.90 8.83
CA ASN A 228 21.21 1.95 10.10
C ASN A 228 20.39 2.60 11.19
N VAL A 229 19.69 3.69 10.90
CA VAL A 229 18.88 4.32 11.94
C VAL A 229 17.72 3.42 12.31
N CYS A 230 17.25 2.59 11.37
CA CYS A 230 16.21 1.63 11.69
C CYS A 230 16.72 0.62 12.72
N TYR A 231 17.88 -0.02 12.43
CA TYR A 231 18.49 -0.93 13.40
C TYR A 231 18.72 -0.25 14.75
N GLN A 232 19.27 0.96 14.73
CA GLN A 232 19.60 1.65 15.97
C GLN A 232 18.35 1.89 16.82
N THR A 233 17.24 2.23 16.18
CA THR A 233 16.02 2.53 16.91
C THR A 233 15.33 1.27 17.40
N LEU A 234 15.30 0.21 16.57
CA LEU A 234 14.77 -1.07 17.02
C LEU A 234 15.54 -1.58 18.22
N THR A 235 16.86 -1.37 18.24
CA THR A 235 17.66 -1.80 19.38
C THR A 235 17.28 -1.02 20.63
N GLU A 236 17.03 0.28 20.50
CA GLU A 236 16.67 1.09 21.67
C GLU A 236 15.36 0.61 22.29
N TYR A 237 14.42 0.14 21.48
CA TYR A 237 13.11 -0.29 21.94
C TYR A 237 13.00 -1.80 22.06
N ASP A 238 14.13 -2.51 22.15
CA ASP A 238 14.13 -3.96 21.99
C ASP A 238 13.30 -4.65 23.07
N GLU A 239 13.40 -4.20 24.32
CA GLU A 239 12.65 -4.83 25.40
C GLU A 239 11.15 -4.76 25.15
N HIS A 240 10.66 -3.56 24.79
CA HIS A 240 9.23 -3.39 24.53
C HIS A 240 8.80 -4.20 23.32
N LEU A 241 9.58 -4.13 22.24
CA LEU A 241 9.18 -4.81 21.02
C LEU A 241 9.17 -6.33 21.19
N THR A 242 10.10 -6.86 21.99
CA THR A 242 10.12 -8.30 22.23
C THR A 242 8.85 -8.76 22.93
N GLN A 243 8.38 -8.01 23.93
CA GLN A 243 7.15 -8.39 24.62
C GLN A 243 5.94 -8.28 23.70
N LEU A 244 5.91 -7.25 22.85
CA LEU A 244 4.81 -7.12 21.90
C LEU A 244 4.79 -8.32 20.94
N GLU A 245 5.96 -8.68 20.41
CA GLU A 245 6.03 -9.80 19.47
C GLU A 245 5.58 -11.10 20.12
N LYS A 246 5.93 -11.31 21.39
CA LYS A 246 5.49 -12.51 22.09
C LYS A 246 3.98 -12.51 22.25
N ASP A 247 3.40 -11.38 22.64
CA ASP A 247 1.96 -11.32 22.84
C ASP A 247 1.20 -11.39 21.52
N ILE A 248 1.78 -10.88 20.44
CA ILE A 248 1.14 -11.02 19.13
C ILE A 248 1.11 -12.47 18.70
N CYS A 249 2.23 -13.18 18.91
CA CYS A 249 2.30 -14.59 18.53
C CYS A 249 1.29 -15.42 19.30
N THR A 250 1.07 -15.10 20.58
CA THR A 250 0.06 -15.80 21.36
C THR A 250 -1.35 -15.51 20.84
N ALA A 251 -1.62 -14.25 20.49
CA ALA A 251 -2.94 -13.91 19.95
C ALA A 251 -3.15 -14.53 18.58
N LYS A 252 -2.09 -14.60 17.77
CA LYS A 252 -2.21 -15.17 16.43
C LYS A 252 -2.51 -16.67 16.48
N GLU A 253 -1.97 -17.37 17.49
CA GLU A 253 -2.26 -18.79 17.65
C GLU A 253 -3.55 -19.04 18.41
N ALA A 254 -4.08 -18.02 19.11
CA ALA A 254 -5.42 -18.15 19.66
C ALA A 254 -6.49 -18.03 18.59
N ALA A 255 -6.16 -17.38 17.47
CA ALA A 255 -7.02 -17.34 16.30
C ALA A 255 -6.99 -18.64 15.50
N LEU A 256 -6.91 -19.78 16.20
CA LEU A 256 -6.98 -21.11 15.60
C LEU A 256 -8.26 -21.74 16.14
N GLU A 257 -9.34 -21.59 15.37
CA GLU A 257 -10.68 -21.94 15.84
C GLU A 257 -11.11 -23.32 15.35
C13 EIO B . 16.37 6.36 -9.20
C15 EIO B . 13.74 10.06 -8.65
C17 EIO B . 16.00 11.04 -10.25
C20 EIO B . 10.42 10.01 -5.41
C03 EIO B . 10.77 9.15 -6.63
C04 EIO B . 12.18 9.15 -7.24
C05 EIO B . 13.10 8.16 -6.85
C06 EIO B . 14.36 8.21 -7.45
C08 EIO B . 16.63 7.16 -7.91
C09 EIO B . 17.77 6.53 -7.12
C11 EIO B . 16.29 5.38 -5.73
C12 EIO B . 15.07 5.96 -6.48
C19 EIO B . 10.08 8.52 -5.42
N01 EIO B . 8.03 9.20 -7.78
N07 EIO B . 15.39 7.23 -7.11
N14 EIO B . 14.65 9.16 -8.33
N18 EIO B . 12.51 10.07 -8.13
N21 EIO B . 9.64 10.63 -8.94
O10 EIO B . 17.38 5.29 -6.60
O22 EIO B . 9.82 8.93 -9.32
S02 EIO B . 9.54 9.44 -7.97
S16 EIO B . 14.23 11.29 -9.86
C1 EDO C . -7.23 5.90 -18.62
O1 EDO C . -6.07 6.62 -19.08
C2 EDO C . -8.48 6.59 -19.13
O2 EDO C . -8.42 6.72 -20.55
C1 EDO D . 8.93 -10.96 3.70
O1 EDO D . 9.24 -11.36 5.05
C2 EDO D . 7.87 -9.87 3.75
O2 EDO D . 8.36 -8.76 4.52
C1 EDO E . -16.74 -2.27 -14.55
O1 EDO E . -16.82 -3.45 -13.73
C2 EDO E . -17.70 -1.23 -14.00
O2 EDO E . -18.98 -1.84 -13.82
#